data_2OL3
#
_entry.id   2OL3
#
_cell.length_a   102.523
_cell.length_b   102.523
_cell.length_c   198.381
_cell.angle_alpha   90.00
_cell.angle_beta   90.00
_cell.angle_gamma   90.00
#
_symmetry.space_group_name_H-M   'P 43 21 2'
#
loop_
_entity.id
_entity.type
_entity.pdbx_description
1 polymer 'BM3.3 T-CELL RECEPTOR ALPHA-CHAIN'
2 polymer 'BM3.3 T-CELL RECEPTOR BETA-CHAIN'
3 polymer 'ALLOGENEIC H-2KBM8 MHC CLASS I MOLECULE'
4 polymer Beta-2-microglobulin
5 polymer 'NATURALLY PROCESSED OCTAPEPTIDE PBM8'
6 non-polymer 2-acetamido-2-deoxy-beta-D-glucopyranose
7 water water
#
loop_
_entity_poly.entity_id
_entity_poly.type
_entity_poly.pdbx_seq_one_letter_code
_entity_poly.pdbx_strand_id
1 'polypeptide(L)'
;QKVTQTQTSISVMEKTTVTMDCVYETQDSSYFLFWYKQTASGEIVFLIRQDSYKKENATVGHYSLNFQKPKSSIGLIITA
TQIEDSAVYFCAMRGDYGGSGNKLIFGTGTLLSVKPGSADDAKKDAAKKDDAKKDAAKKDGS
;
A
2 'polypeptide(L)'
;VTLLEQNPRWRLVPRGQAVNLRCILKNSQYPWMSWYQQDLQKQLQWLFTLRSPGDKEVKSLPGADYLATRVTDTELRLQV
ANMSQGRTLYCTCSADRVGNTLYFGEGSRLIVV
;
B
3 'polypeptide(L)'
;GPHSLRYFVTAVSRPGLGEPRFISVGYVDNTEFVRFDSDAENPRYEPRARWMEQEGPEYWERETQKAKGNEQSFRVDLRT
LLGYYNQSKGGSHTIQVISGCEVGSDGRLLRGYQQYAYDGCDYIALNEDLKTWTAADMAALITKHKWEQAGEAERLRAYL
EGTCVEWLRRYLKNGNATLLRTDSPKAHVTHHSRPEDKVTLRCWALGFYPADITLTWQLNGEELIQDMELVETRPAGDGT
FQKWASVVVPLGKEQYYTCHVYHQGLPEPLTLRWEPPPS
;
H
4 'polypeptide(L)'
;MIQKTPQIQVYSRHPPENGKPNILNCYVTQFHPPHIEIQMLKNGKKIPKVEMSDMSFSKDWSFYILAHTEFTPTETDTYA
CRVKHDSMAEPKTVYWDRDM
;
L
5 'polypeptide(L)' SQYYYNSL P
#
loop_
_chem_comp.id
_chem_comp.type
_chem_comp.name
_chem_comp.formula
NAG D-saccharide, beta linking 2-acetamido-2-deoxy-beta-D-glucopyranose 'C8 H15 N O6'
#
# COMPACT_ATOMS: atom_id res chain seq x y z
N GLN A 1 -2.28 -25.09 -3.97
CA GLN A 1 -1.38 -24.50 -5.02
C GLN A 1 -0.80 -25.63 -5.86
N LYS A 2 -1.68 -26.53 -6.30
CA LYS A 2 -1.31 -27.77 -6.95
C LYS A 2 -1.56 -27.81 -8.47
N VAL A 3 -0.74 -27.08 -9.23
CA VAL A 3 -0.80 -27.17 -10.69
C VAL A 3 -0.28 -28.53 -11.17
N THR A 4 -1.14 -29.36 -11.77
CA THR A 4 -0.77 -30.69 -12.26
C THR A 4 -0.97 -30.94 -13.76
N GLN A 5 -0.06 -31.69 -14.37
CA GLN A 5 -0.13 -32.08 -15.78
C GLN A 5 -0.06 -33.61 -15.80
N THR A 6 -1.18 -34.25 -16.12
CA THR A 6 -1.25 -35.71 -16.03
C THR A 6 -0.49 -36.43 -17.14
N GLN A 7 -0.40 -35.83 -18.31
CA GLN A 7 0.27 -36.49 -19.43
C GLN A 7 1.77 -36.57 -19.21
N THR A 8 2.31 -37.79 -19.18
CA THR A 8 3.76 -37.97 -19.05
C THR A 8 4.41 -37.66 -20.38
N SER A 9 3.71 -38.05 -21.44
CA SER A 9 4.22 -37.90 -22.80
C SER A 9 3.07 -37.89 -23.81
N ILE A 10 3.27 -37.19 -24.92
CA ILE A 10 2.30 -37.11 -25.99
C ILE A 10 3.05 -37.19 -27.31
N SER A 11 2.69 -38.17 -28.13
CA SER A 11 3.34 -38.36 -29.41
C SER A 11 2.27 -38.25 -30.48
N VAL A 12 2.46 -37.30 -31.37
CA VAL A 12 1.47 -37.06 -32.40
C VAL A 12 2.16 -36.59 -33.68
N MET A 13 1.51 -36.85 -34.83
CA MET A 13 2.03 -36.49 -36.15
C MET A 13 2.09 -34.98 -36.37
N GLU A 14 3.01 -34.53 -37.20
CA GLU A 14 3.13 -33.10 -37.51
C GLU A 14 1.87 -32.56 -38.18
N LYS A 15 1.73 -31.24 -38.21
CA LYS A 15 0.56 -30.61 -38.81
C LYS A 15 -0.74 -31.08 -38.14
N THR A 16 -0.63 -31.50 -36.88
CA THR A 16 -1.78 -32.02 -36.17
C THR A 16 -2.10 -31.17 -34.95
N THR A 17 -3.38 -31.12 -34.61
CA THR A 17 -3.80 -30.41 -33.41
C THR A 17 -3.54 -31.25 -32.18
N VAL A 18 -2.76 -30.72 -31.25
CA VAL A 18 -2.49 -31.41 -30.00
C VAL A 18 -2.82 -30.51 -28.82
N THR A 19 -3.53 -31.09 -27.86
CA THR A 19 -3.97 -30.37 -26.68
C THR A 19 -3.43 -30.99 -25.39
N MET A 20 -2.57 -30.24 -24.70
CA MET A 20 -1.91 -30.66 -23.45
C MET A 20 -2.62 -30.05 -22.25
N ASP A 21 -3.20 -30.91 -21.39
CA ASP A 21 -3.99 -30.46 -20.25
C ASP A 21 -3.13 -30.00 -19.07
N CYS A 22 -3.72 -29.14 -18.24
CA CYS A 22 -3.10 -28.60 -17.03
C CYS A 22 -4.18 -28.14 -16.06
N VAL A 23 -4.26 -28.78 -14.90
CA VAL A 23 -5.23 -28.41 -13.89
C VAL A 23 -4.47 -27.66 -12.80
N TYR A 24 -5.08 -26.64 -12.21
CA TYR A 24 -4.41 -25.84 -11.20
C TYR A 24 -5.26 -25.54 -9.96
N GLU A 25 -4.61 -25.07 -8.90
CA GLU A 25 -5.28 -24.72 -7.67
C GLU A 25 -4.73 -23.45 -7.06
N THR A 26 -5.63 -22.52 -6.70
CA THR A 26 -5.23 -21.27 -6.06
C THR A 26 -6.41 -20.65 -5.36
N GLN A 27 -6.13 -19.98 -4.25
CA GLN A 27 -7.17 -19.30 -3.48
C GLN A 27 -7.30 -17.83 -3.91
N ASP A 28 -6.20 -17.24 -4.38
CA ASP A 28 -6.15 -15.85 -4.83
C ASP A 28 -7.28 -15.51 -5.81
N SER A 29 -7.86 -14.33 -5.63
CA SER A 29 -8.92 -13.88 -6.52
C SER A 29 -8.38 -13.58 -7.92
N SER A 30 -7.14 -13.10 -7.96
CA SER A 30 -6.45 -12.82 -9.23
C SER A 30 -5.14 -13.63 -9.32
N TYR A 31 -4.76 -14.03 -10.53
CA TYR A 31 -3.55 -14.84 -10.71
C TYR A 31 -3.13 -14.98 -12.15
N PHE A 32 -2.04 -15.70 -12.40
CA PHE A 32 -1.56 -15.83 -13.77
C PHE A 32 -1.11 -17.22 -14.17
N LEU A 33 -1.59 -17.70 -15.32
CA LEU A 33 -1.19 -19.03 -15.79
C LEU A 33 -0.17 -18.89 -16.91
N PHE A 34 0.77 -19.83 -16.95
CA PHE A 34 1.86 -19.79 -17.92
C PHE A 34 2.12 -21.12 -18.57
N TRP A 35 2.80 -21.07 -19.70
CA TRP A 35 3.22 -22.26 -20.40
C TRP A 35 4.59 -21.99 -20.96
N TYR A 36 5.53 -22.86 -20.60
CA TYR A 36 6.93 -22.75 -21.04
C TYR A 36 7.35 -23.98 -21.80
N LYS A 37 8.46 -23.85 -22.51
CA LYS A 37 9.02 -24.94 -23.29
C LYS A 37 10.51 -25.13 -22.95
N GLN A 38 10.96 -26.38 -22.87
CA GLN A 38 12.39 -26.66 -22.70
C GLN A 38 12.84 -27.58 -23.84
N THR A 39 14.02 -27.31 -24.38
CA THR A 39 14.54 -28.10 -25.48
C THR A 39 15.71 -28.92 -25.02
N ALA A 40 16.19 -29.78 -25.92
CA ALA A 40 17.29 -30.66 -25.64
C ALA A 40 18.48 -29.86 -25.15
N SER A 41 18.67 -28.66 -25.70
CA SER A 41 19.76 -27.81 -25.27
C SER A 41 19.65 -27.50 -23.78
N GLY A 42 18.43 -27.57 -23.26
CA GLY A 42 18.19 -27.29 -21.84
C GLY A 42 17.79 -25.85 -21.53
N GLU A 43 17.17 -25.16 -22.47
CA GLU A 43 16.78 -23.78 -22.23
C GLU A 43 15.27 -23.66 -22.16
N ILE A 44 14.79 -22.88 -21.20
CA ILE A 44 13.37 -22.69 -21.03
C ILE A 44 12.98 -21.50 -21.87
N VAL A 45 11.77 -21.53 -22.42
CA VAL A 45 11.30 -20.47 -23.29
C VAL A 45 9.83 -20.18 -23.02
N PHE A 46 9.53 -18.92 -22.73
CA PHE A 46 8.17 -18.50 -22.45
C PHE A 46 7.35 -18.61 -23.73
N LEU A 47 6.13 -19.14 -23.59
CA LEU A 47 5.30 -19.36 -24.76
C LEU A 47 4.07 -18.46 -24.81
N ILE A 48 3.29 -18.45 -23.72
CA ILE A 48 2.04 -17.70 -23.67
C ILE A 48 1.63 -17.56 -22.21
N ARG A 49 0.80 -16.57 -21.89
CA ARG A 49 0.33 -16.40 -20.51
C ARG A 49 -1.17 -16.21 -20.54
N GLN A 50 -1.81 -16.40 -19.40
CA GLN A 50 -3.24 -16.19 -19.26
C GLN A 50 -3.50 -15.33 -18.04
N ASP A 51 -4.41 -14.38 -18.15
CA ASP A 51 -4.73 -13.54 -17.01
C ASP A 51 -6.10 -13.93 -16.44
N SER A 52 -6.12 -14.31 -15.17
CA SER A 52 -7.31 -14.85 -14.53
C SER A 52 -8.54 -14.00 -14.67
N TYR A 53 -8.32 -12.71 -14.87
CA TYR A 53 -9.41 -11.75 -14.96
C TYR A 53 -9.80 -11.39 -16.40
N LYS A 54 -9.47 -12.28 -17.34
CA LYS A 54 -9.86 -12.07 -18.73
C LYS A 54 -10.69 -13.27 -19.17
N LYS A 55 -11.98 -13.06 -19.39
CA LYS A 55 -12.87 -14.17 -19.73
C LYS A 55 -12.55 -14.86 -21.06
N GLU A 56 -11.71 -14.23 -21.88
CA GLU A 56 -11.36 -14.81 -23.18
C GLU A 56 -10.01 -15.50 -23.17
N ASN A 57 -9.88 -16.55 -23.98
CA ASN A 57 -8.65 -17.32 -24.06
C ASN A 57 -7.54 -16.55 -24.73
N ALA A 58 -6.35 -16.57 -24.14
CA ALA A 58 -5.19 -15.87 -24.69
C ALA A 58 -4.76 -16.47 -26.03
N THR A 59 -4.05 -15.69 -26.85
CA THR A 59 -3.54 -16.22 -28.11
C THR A 59 -2.23 -15.56 -28.54
N VAL A 60 -1.28 -16.39 -28.99
CA VAL A 60 0.04 -15.96 -29.48
C VAL A 60 0.55 -17.05 -30.43
N GLY A 61 1.31 -16.66 -31.45
CA GLY A 61 1.83 -17.62 -32.43
C GLY A 61 0.70 -18.56 -32.80
N HIS A 62 0.97 -19.87 -32.77
CA HIS A 62 -0.10 -20.85 -33.05
C HIS A 62 -0.54 -21.52 -31.75
N TYR A 63 -0.13 -20.90 -30.66
CA TYR A 63 -0.48 -21.38 -29.34
C TYR A 63 -1.82 -20.77 -28.95
N SER A 64 -2.63 -21.53 -28.21
CA SER A 64 -3.93 -21.06 -27.74
C SER A 64 -4.28 -21.76 -26.46
N LEU A 65 -4.99 -21.07 -25.58
CA LEU A 65 -5.33 -21.69 -24.32
C LEU A 65 -6.82 -21.92 -24.18
N ASN A 66 -7.21 -22.99 -23.49
CA ASN A 66 -8.62 -23.24 -23.23
C ASN A 66 -8.94 -22.91 -21.78
N PHE A 67 -8.75 -21.65 -21.41
CA PHE A 67 -9.00 -21.24 -20.04
C PHE A 67 -10.44 -21.49 -19.65
N GLN A 68 -10.62 -22.24 -18.58
CA GLN A 68 -11.95 -22.57 -18.07
C GLN A 68 -11.95 -22.35 -16.57
N LYS A 69 -11.93 -21.07 -16.18
CA LYS A 69 -11.86 -20.68 -14.78
C LYS A 69 -12.69 -21.57 -13.86
N PRO A 70 -13.98 -21.80 -14.17
CA PRO A 70 -14.79 -22.63 -13.29
C PRO A 70 -14.25 -24.04 -13.08
N LYS A 71 -13.52 -24.59 -14.06
CA LYS A 71 -12.92 -25.91 -13.91
C LYS A 71 -11.40 -25.85 -13.75
N SER A 72 -10.89 -24.74 -13.24
CA SER A 72 -9.46 -24.59 -13.01
C SER A 72 -8.57 -25.27 -14.06
N SER A 73 -9.02 -25.28 -15.31
CA SER A 73 -8.25 -25.90 -16.37
C SER A 73 -7.75 -24.88 -17.36
N ILE A 74 -6.55 -25.11 -17.87
CA ILE A 74 -5.91 -24.17 -18.78
C ILE A 74 -4.93 -24.93 -19.66
N GLY A 75 -5.47 -25.77 -20.54
CA GLY A 75 -4.61 -26.52 -21.42
C GLY A 75 -3.99 -25.71 -22.51
N LEU A 76 -2.95 -26.25 -23.10
CA LEU A 76 -2.26 -25.59 -24.18
C LEU A 76 -2.69 -26.24 -25.49
N ILE A 77 -2.90 -25.43 -26.52
CA ILE A 77 -3.30 -25.95 -27.83
C ILE A 77 -2.31 -25.58 -28.92
N ILE A 78 -1.51 -26.55 -29.32
CA ILE A 78 -0.54 -26.29 -30.37
C ILE A 78 -1.13 -26.76 -31.69
N THR A 79 -1.38 -25.80 -32.59
CA THR A 79 -1.92 -26.10 -33.93
C THR A 79 -0.86 -26.08 -35.03
N ALA A 80 -0.96 -27.01 -35.96
CA ALA A 80 0.01 -27.15 -37.06
C ALA A 80 1.40 -27.39 -36.51
N THR A 81 1.49 -28.35 -35.61
CA THR A 81 2.74 -28.71 -34.95
C THR A 81 3.83 -29.02 -35.97
N GLN A 82 5.05 -29.18 -35.49
CA GLN A 82 6.17 -29.53 -36.36
C GLN A 82 7.37 -30.08 -35.62
N ILE A 83 8.41 -30.40 -36.37
CA ILE A 83 9.63 -31.00 -35.82
C ILE A 83 10.34 -30.12 -34.80
N GLU A 84 9.98 -28.84 -34.76
CA GLU A 84 10.62 -27.92 -33.83
C GLU A 84 9.82 -27.78 -32.53
N ASP A 85 8.51 -27.97 -32.62
CA ASP A 85 7.65 -27.91 -31.44
C ASP A 85 8.00 -28.99 -30.45
N SER A 86 8.48 -30.13 -30.95
CA SER A 86 8.90 -31.23 -30.09
C SER A 86 9.81 -30.72 -28.98
N ALA A 87 9.30 -30.77 -27.75
CA ALA A 87 10.03 -30.36 -26.56
C ALA A 87 9.19 -30.72 -25.34
N VAL A 88 9.63 -30.29 -24.16
CA VAL A 88 8.89 -30.60 -22.95
C VAL A 88 8.14 -29.34 -22.56
N TYR A 89 6.83 -29.46 -22.47
CA TYR A 89 5.97 -28.34 -22.14
C TYR A 89 5.65 -28.31 -20.66
N PHE A 90 5.96 -27.20 -20.02
CA PHE A 90 5.66 -27.08 -18.62
C PHE A 90 4.56 -26.06 -18.50
N CYS A 91 3.69 -26.27 -17.54
CA CYS A 91 2.54 -25.42 -17.24
C CYS A 91 2.79 -24.82 -15.87
N ALA A 92 2.68 -23.51 -15.72
CA ALA A 92 2.97 -22.91 -14.42
C ALA A 92 2.02 -21.80 -14.05
N MET A 93 1.78 -21.66 -12.76
CA MET A 93 0.86 -20.64 -12.28
C MET A 93 1.58 -19.78 -11.26
N ARG A 94 1.50 -18.45 -11.39
CA ARG A 94 2.10 -17.59 -10.39
C ARG A 94 1.10 -17.28 -9.29
N GLY A 95 1.39 -17.78 -8.11
CA GLY A 95 0.41 -17.63 -7.06
C GLY A 95 0.72 -18.15 -5.66
N ASP A 96 0.66 -17.17 -4.77
CA ASP A 96 0.82 -17.28 -3.34
C ASP A 96 0.82 -15.77 -3.31
N TYR A 97 0.87 -15.15 -2.15
CA TYR A 97 0.91 -13.69 -2.16
C TYR A 97 1.89 -13.07 -1.20
N GLY A 98 2.84 -12.31 -1.77
CA GLY A 98 3.86 -11.62 -1.01
C GLY A 98 5.25 -12.12 -1.32
N GLY A 99 5.49 -13.37 -0.90
CA GLY A 99 6.76 -14.06 -1.15
C GLY A 99 6.73 -14.76 -2.50
N SER A 100 5.70 -14.43 -3.29
CA SER A 100 5.55 -14.92 -4.66
C SER A 100 6.00 -13.86 -5.67
N GLY A 101 5.10 -13.46 -6.57
CA GLY A 101 5.47 -12.54 -7.63
C GLY A 101 6.35 -13.29 -8.61
N ASN A 102 7.64 -13.37 -8.29
CA ASN A 102 8.59 -14.08 -9.13
C ASN A 102 8.65 -15.57 -8.79
N LYS A 103 7.68 -16.01 -7.96
CA LYS A 103 7.59 -17.41 -7.53
C LYS A 103 6.51 -18.15 -8.27
N LEU A 104 6.88 -18.76 -9.39
CA LEU A 104 5.98 -19.58 -10.21
C LEU A 104 6.00 -20.98 -9.68
N ILE A 105 4.87 -21.64 -9.76
CA ILE A 105 4.79 -23.04 -9.39
C ILE A 105 4.63 -23.82 -10.69
N PHE A 106 5.58 -24.69 -10.98
CA PHE A 106 5.57 -25.44 -12.24
C PHE A 106 4.97 -26.84 -12.12
N GLY A 107 4.45 -27.32 -13.22
CA GLY A 107 3.90 -28.66 -13.26
C GLY A 107 4.96 -29.70 -13.58
N THR A 108 4.61 -30.97 -13.39
CA THR A 108 5.52 -32.10 -13.58
C THR A 108 6.19 -32.12 -14.95
N GLY A 109 5.55 -31.52 -15.95
CA GLY A 109 6.09 -31.45 -17.31
C GLY A 109 5.55 -32.52 -18.24
N THR A 110 5.32 -32.19 -19.52
CA THR A 110 4.82 -33.18 -20.50
C THR A 110 5.66 -33.12 -21.74
N LEU A 111 6.26 -34.26 -22.13
CA LEU A 111 7.11 -34.31 -23.32
C LEU A 111 6.29 -34.54 -24.58
N LEU A 112 6.31 -33.55 -25.48
CA LEU A 112 5.64 -33.65 -26.78
C LEU A 112 6.61 -34.19 -27.80
N SER A 113 6.13 -35.17 -28.55
CA SER A 113 6.92 -35.75 -29.62
C SER A 113 6.12 -35.66 -30.89
N VAL A 114 6.58 -34.79 -31.79
CA VAL A 114 5.94 -34.55 -33.08
C VAL A 114 6.56 -35.41 -34.17
N LYS A 115 5.84 -36.47 -34.53
CA LYS A 115 6.32 -37.42 -35.52
C LYS A 115 6.17 -36.87 -36.94
N PRO A 116 7.28 -36.83 -37.70
CA PRO A 116 7.30 -36.33 -39.07
C PRO A 116 6.49 -37.18 -40.05
N GLY A 117 6.55 -36.81 -41.33
CA GLY A 117 5.87 -37.54 -42.39
C GLY A 117 6.83 -38.42 -43.17
N SER A 118 8.07 -37.94 -43.34
CA SER A 118 9.14 -38.66 -44.04
C SER A 118 10.29 -37.70 -44.41
N VAL B 1 22.65 -10.61 -27.08
CA VAL B 1 21.17 -10.59 -27.37
C VAL B 1 20.42 -11.31 -26.25
N THR B 2 21.19 -11.79 -25.26
CA THR B 2 20.64 -12.52 -24.10
C THR B 2 20.65 -11.68 -22.82
N LEU B 3 19.67 -11.91 -21.96
CA LEU B 3 19.52 -11.10 -20.74
C LEU B 3 20.52 -11.44 -19.64
N LEU B 4 20.59 -12.72 -19.24
CA LEU B 4 21.51 -13.17 -18.18
C LEU B 4 22.71 -13.98 -18.70
N GLU B 5 23.78 -13.98 -17.93
CA GLU B 5 24.97 -14.71 -18.28
C GLU B 5 25.28 -15.59 -17.12
N GLN B 6 25.01 -16.88 -17.26
CA GLN B 6 25.18 -17.84 -16.18
C GLN B 6 26.46 -18.62 -16.32
N ASN B 7 27.20 -18.70 -15.23
CA ASN B 7 28.46 -19.42 -15.22
C ASN B 7 28.72 -20.02 -13.83
N PRO B 8 29.34 -21.21 -13.76
CA PRO B 8 29.80 -22.00 -14.92
C PRO B 8 28.63 -22.68 -15.61
N ARG B 9 28.76 -22.89 -16.91
CA ARG B 9 27.69 -23.55 -17.68
C ARG B 9 27.39 -24.98 -17.18
N TRP B 10 28.42 -25.74 -16.88
CA TRP B 10 28.23 -27.08 -16.32
C TRP B 10 29.30 -27.33 -15.28
N ARG B 11 29.10 -28.37 -14.49
CA ARG B 11 30.10 -28.71 -13.50
C ARG B 11 30.06 -30.18 -13.09
N LEU B 12 31.19 -30.87 -13.22
CA LEU B 12 31.29 -32.24 -12.73
C LEU B 12 31.95 -32.23 -11.36
N VAL B 13 31.27 -32.77 -10.36
CA VAL B 13 31.85 -32.75 -9.04
C VAL B 13 31.54 -33.96 -8.20
N PRO B 14 32.51 -34.37 -7.38
CA PRO B 14 32.33 -35.49 -6.48
C PRO B 14 31.35 -35.10 -5.38
N ARG B 15 30.42 -35.99 -5.07
CA ARG B 15 29.41 -35.73 -4.07
C ARG B 15 30.00 -35.02 -2.89
N GLY B 16 29.39 -33.91 -2.51
CA GLY B 16 29.84 -33.18 -1.34
C GLY B 16 30.67 -31.97 -1.64
N GLN B 17 31.35 -31.94 -2.77
CA GLN B 17 32.17 -30.78 -3.07
C GLN B 17 31.32 -29.53 -3.32
N ALA B 18 31.55 -28.47 -2.54
CA ALA B 18 30.73 -27.28 -2.73
C ALA B 18 31.01 -26.63 -4.08
N VAL B 19 30.01 -25.94 -4.63
CA VAL B 19 30.11 -25.31 -5.94
C VAL B 19 29.55 -23.88 -5.93
N ASN B 20 30.26 -22.95 -6.55
CA ASN B 20 29.81 -21.56 -6.56
C ASN B 20 29.32 -21.17 -7.95
N LEU B 21 28.06 -20.82 -8.05
CA LEU B 21 27.50 -20.37 -9.30
C LEU B 21 27.36 -18.85 -9.26
N ARG B 22 27.36 -18.24 -10.44
CA ARG B 22 27.29 -16.80 -10.55
C ARG B 22 26.36 -16.49 -11.69
N CYS B 23 25.62 -15.39 -11.57
CA CYS B 23 24.72 -14.96 -12.64
C CYS B 23 24.90 -13.48 -12.84
N ILE B 24 24.94 -13.06 -14.11
CA ILE B 24 25.18 -11.67 -14.46
C ILE B 24 24.04 -11.07 -15.26
N LEU B 25 23.47 -9.98 -14.76
CA LEU B 25 22.38 -9.28 -15.44
C LEU B 25 22.91 -8.31 -16.49
N LYS B 26 22.54 -8.56 -17.75
CA LYS B 26 22.99 -7.74 -18.87
C LYS B 26 21.88 -6.80 -19.37
N ASN B 27 20.99 -6.42 -18.47
CA ASN B 27 19.92 -5.49 -18.82
C ASN B 27 19.29 -4.95 -17.57
N SER B 28 19.39 -3.64 -17.39
CA SER B 28 18.88 -2.98 -16.21
C SER B 28 17.36 -3.00 -16.05
N GLN B 29 16.63 -3.42 -17.08
CA GLN B 29 15.17 -3.37 -17.00
C GLN B 29 14.54 -4.60 -16.34
N TYR B 30 15.39 -5.52 -15.89
CA TYR B 30 14.93 -6.76 -15.29
C TYR B 30 15.72 -7.01 -13.99
N PRO B 31 15.68 -6.05 -13.05
CA PRO B 31 16.44 -6.17 -11.81
C PRO B 31 15.99 -7.26 -10.87
N TRP B 32 14.80 -7.81 -11.07
CA TRP B 32 14.32 -8.86 -10.19
C TRP B 32 14.89 -10.23 -10.60
N MET B 33 15.88 -10.69 -9.84
CA MET B 33 16.54 -11.95 -10.12
C MET B 33 16.16 -13.00 -9.10
N SER B 34 16.17 -14.26 -9.54
CA SER B 34 15.80 -15.39 -8.70
C SER B 34 16.55 -16.66 -9.10
N TRP B 35 16.56 -17.62 -8.19
CA TRP B 35 17.18 -18.92 -8.42
C TRP B 35 16.13 -19.99 -8.49
N TYR B 36 16.28 -20.88 -9.45
CA TYR B 36 15.40 -22.03 -9.64
C TYR B 36 16.21 -23.28 -9.75
N GLN B 37 15.73 -24.33 -9.10
CA GLN B 37 16.37 -25.64 -9.18
C GLN B 37 15.55 -26.56 -10.10
N GLN B 38 16.23 -27.38 -10.89
CA GLN B 38 15.52 -28.37 -11.68
C GLN B 38 16.19 -29.68 -11.38
N ASP B 39 15.46 -30.57 -10.70
CA ASP B 39 16.00 -31.86 -10.32
C ASP B 39 16.10 -32.81 -11.51
N LEU B 40 16.78 -33.94 -11.30
CA LEU B 40 16.97 -34.91 -12.37
C LEU B 40 15.70 -35.42 -13.03
N GLN B 41 14.54 -35.07 -12.46
CA GLN B 41 13.28 -35.49 -13.04
C GLN B 41 12.70 -34.35 -13.82
N LYS B 42 13.53 -33.38 -14.16
CA LYS B 42 13.07 -32.23 -14.93
C LYS B 42 12.11 -31.26 -14.17
N GLN B 43 11.84 -31.53 -12.89
CA GLN B 43 10.97 -30.67 -12.09
C GLN B 43 11.59 -29.33 -11.61
N LEU B 44 11.02 -28.23 -12.08
CA LEU B 44 11.47 -26.90 -11.69
C LEU B 44 10.89 -26.52 -10.36
N GLN B 45 11.69 -25.82 -9.55
CA GLN B 45 11.23 -25.30 -8.28
C GLN B 45 11.96 -24.01 -7.96
N TRP B 46 11.22 -23.05 -7.40
CA TRP B 46 11.74 -21.75 -7.06
C TRP B 46 12.55 -21.85 -5.76
N LEU B 47 13.64 -21.09 -5.70
CA LEU B 47 14.52 -21.09 -4.54
C LEU B 47 14.54 -19.76 -3.83
N PHE B 48 15.00 -18.74 -4.56
CA PHE B 48 15.12 -17.40 -3.98
C PHE B 48 14.74 -16.30 -4.96
N THR B 49 14.48 -15.13 -4.40
CA THR B 49 14.29 -13.92 -5.17
C THR B 49 14.97 -12.83 -4.37
N LEU B 50 16.06 -12.31 -4.91
CA LEU B 50 16.82 -11.28 -4.21
C LEU B 50 16.88 -10.10 -5.13
N ARG B 51 16.34 -8.97 -4.67
CA ARG B 51 16.25 -7.82 -5.52
C ARG B 51 17.28 -6.77 -5.19
N SER B 52 17.60 -6.63 -3.90
CA SER B 52 18.54 -5.57 -3.51
C SER B 52 19.95 -6.04 -3.19
N PRO B 53 20.95 -5.29 -3.65
CA PRO B 53 22.34 -5.59 -3.33
C PRO B 53 22.51 -5.68 -1.83
N GLY B 54 22.82 -6.86 -1.32
CA GLY B 54 23.04 -7.05 0.10
C GLY B 54 22.17 -8.16 0.63
N ASP B 55 21.10 -8.47 -0.11
CA ASP B 55 20.14 -9.48 0.29
C ASP B 55 20.73 -10.89 0.23
N LYS B 56 20.70 -11.56 1.38
CA LYS B 56 21.25 -12.90 1.53
C LYS B 56 20.13 -13.79 2.04
N GLU B 57 20.16 -15.07 1.70
CA GLU B 57 19.11 -15.98 2.17
C GLU B 57 19.54 -17.44 1.98
N VAL B 58 19.11 -18.34 2.85
CA VAL B 58 19.45 -19.75 2.70
C VAL B 58 18.21 -20.63 2.65
N LYS B 59 18.33 -21.77 1.99
CA LYS B 59 17.21 -22.70 1.93
C LYS B 59 17.78 -24.10 1.75
N SER B 60 17.04 -25.09 2.19
CA SER B 60 17.51 -26.45 2.04
C SER B 60 16.50 -27.38 1.43
N LEU B 61 16.69 -27.74 0.17
CA LEU B 61 15.83 -28.73 -0.46
C LEU B 61 16.49 -30.10 -0.32
N PRO B 62 15.73 -31.18 -0.46
CA PRO B 62 16.38 -32.48 -0.37
C PRO B 62 17.51 -32.58 -1.38
N GLY B 63 18.69 -32.96 -0.90
CA GLY B 63 19.80 -33.13 -1.80
C GLY B 63 20.82 -32.02 -1.86
N ALA B 64 20.49 -30.82 -1.42
CA ALA B 64 21.44 -29.72 -1.52
C ALA B 64 21.06 -28.58 -0.57
N ASP B 65 22.07 -27.94 0.05
CA ASP B 65 21.84 -26.79 0.93
C ASP B 65 22.31 -25.56 0.18
N TYR B 66 21.46 -24.55 0.04
CA TYR B 66 21.87 -23.40 -0.75
C TYR B 66 22.12 -22.13 0.04
N LEU B 67 22.68 -21.12 -0.63
CA LEU B 67 23.01 -19.81 -0.05
C LEU B 67 23.24 -18.77 -1.15
N ALA B 68 22.22 -17.96 -1.41
CA ALA B 68 22.27 -16.97 -2.48
C ALA B 68 22.41 -15.54 -1.97
N THR B 69 23.17 -14.74 -2.70
CA THR B 69 23.33 -13.34 -2.32
C THR B 69 23.31 -12.41 -3.53
N ARG B 70 22.62 -11.29 -3.39
CA ARG B 70 22.55 -10.31 -4.46
C ARG B 70 23.69 -9.35 -4.18
N VAL B 71 24.87 -9.71 -4.66
CA VAL B 71 26.08 -8.92 -4.40
C VAL B 71 25.97 -7.50 -4.92
N THR B 72 25.65 -7.35 -6.21
CA THR B 72 25.46 -6.02 -6.77
C THR B 72 24.19 -5.93 -7.58
N ASP B 73 23.93 -4.74 -8.10
CA ASP B 73 22.74 -4.54 -8.90
C ASP B 73 22.76 -5.43 -10.13
N THR B 74 23.93 -5.96 -10.47
CA THR B 74 24.05 -6.81 -11.65
C THR B 74 24.59 -8.22 -11.39
N GLU B 75 24.96 -8.54 -10.16
CA GLU B 75 25.53 -9.86 -9.88
C GLU B 75 24.84 -10.60 -8.75
N LEU B 76 24.29 -11.76 -9.06
CA LEU B 76 23.58 -12.63 -8.11
C LEU B 76 24.38 -13.90 -8.05
N ARG B 77 24.59 -14.40 -6.83
CA ARG B 77 25.38 -15.61 -6.63
C ARG B 77 24.59 -16.68 -5.95
N LEU B 78 25.17 -17.86 -5.89
CA LEU B 78 24.51 -18.96 -5.25
C LEU B 78 25.62 -19.91 -4.81
N GLN B 79 25.45 -20.58 -3.68
CA GLN B 79 26.46 -21.53 -3.21
C GLN B 79 25.83 -22.86 -2.85
N VAL B 80 26.04 -23.83 -3.74
CA VAL B 80 25.48 -25.15 -3.59
C VAL B 80 26.41 -25.96 -2.71
N ALA B 81 25.90 -26.50 -1.61
CA ALA B 81 26.73 -27.27 -0.68
C ALA B 81 26.11 -28.60 -0.29
N ASN B 82 26.96 -29.56 0.10
CA ASN B 82 26.51 -30.89 0.48
C ASN B 82 25.61 -31.54 -0.56
N MET B 83 25.86 -31.27 -1.85
CA MET B 83 25.09 -31.84 -2.93
C MET B 83 25.21 -33.34 -3.03
N SER B 84 24.08 -34.05 -2.96
CA SER B 84 24.09 -35.50 -3.04
C SER B 84 23.61 -36.03 -4.37
N GLN B 85 22.74 -35.28 -5.05
CA GLN B 85 22.26 -35.69 -6.38
C GLN B 85 22.42 -34.54 -7.35
N GLY B 86 22.48 -34.89 -8.63
CA GLY B 86 22.55 -33.84 -9.64
C GLY B 86 21.38 -32.90 -9.63
N ARG B 87 21.58 -31.74 -10.24
CA ARG B 87 20.54 -30.71 -10.33
C ARG B 87 21.09 -29.62 -11.21
N THR B 88 20.23 -28.88 -11.90
CA THR B 88 20.74 -27.78 -12.69
C THR B 88 20.06 -26.55 -12.16
N LEU B 89 20.83 -25.48 -11.95
CA LEU B 89 20.29 -24.26 -11.38
C LEU B 89 20.00 -23.24 -12.44
N TYR B 90 18.81 -22.65 -12.39
CA TYR B 90 18.46 -21.61 -13.34
C TYR B 90 18.38 -20.24 -12.70
N CYS B 91 18.97 -19.26 -13.35
CA CYS B 91 18.95 -17.89 -12.87
C CYS B 91 17.84 -17.21 -13.67
N THR B 92 16.97 -16.45 -13.00
CA THR B 92 15.91 -15.78 -13.72
C THR B 92 15.86 -14.29 -13.42
N CYS B 93 15.46 -13.52 -14.43
CA CYS B 93 15.29 -12.08 -14.27
C CYS B 93 13.88 -11.68 -14.70
N SER B 94 13.35 -10.64 -14.07
CA SER B 94 12.01 -10.17 -14.35
C SER B 94 11.98 -8.66 -14.21
N ALA B 95 11.12 -8.01 -15.00
CA ALA B 95 11.00 -6.53 -14.97
C ALA B 95 10.64 -5.93 -13.60
N ASP B 96 9.71 -6.57 -12.85
CA ASP B 96 9.31 -6.03 -11.56
C ASP B 96 8.90 -7.06 -10.52
N ARG B 97 8.47 -6.59 -9.34
CA ARG B 97 8.06 -7.48 -8.24
C ARG B 97 6.99 -8.47 -8.64
N VAL B 98 6.03 -8.00 -9.42
CA VAL B 98 4.97 -8.87 -9.84
C VAL B 98 5.53 -10.05 -10.64
N GLY B 99 6.45 -9.79 -11.57
CA GLY B 99 6.96 -10.85 -12.44
C GLY B 99 6.20 -10.88 -13.75
N ASN B 100 5.53 -12.01 -14.01
CA ASN B 100 4.70 -12.19 -15.22
C ASN B 100 5.44 -12.02 -16.54
N THR B 101 6.74 -11.81 -16.45
CA THR B 101 7.59 -11.57 -17.59
C THR B 101 8.98 -12.04 -17.22
N LEU B 102 9.08 -13.23 -16.59
CA LEU B 102 10.41 -13.73 -16.20
C LEU B 102 11.06 -14.57 -17.29
N TYR B 103 12.32 -14.26 -17.59
CA TYR B 103 13.11 -14.99 -18.57
C TYR B 103 14.14 -15.84 -17.84
N PHE B 104 14.25 -17.08 -18.30
CA PHE B 104 15.16 -18.02 -17.72
C PHE B 104 16.50 -17.97 -18.41
N GLY B 105 17.57 -18.08 -17.65
CA GLY B 105 18.90 -18.13 -18.22
C GLY B 105 19.20 -19.50 -18.81
N GLU B 106 20.45 -19.75 -19.14
CA GLU B 106 20.81 -21.05 -19.71
C GLU B 106 21.02 -22.18 -18.68
N GLY B 107 21.23 -21.81 -17.42
CA GLY B 107 21.43 -22.80 -16.37
C GLY B 107 22.86 -23.14 -16.01
N SER B 108 23.00 -23.92 -14.94
CA SER B 108 24.29 -24.38 -14.48
C SER B 108 24.13 -25.86 -14.15
N ARG B 109 24.27 -26.68 -15.17
CA ARG B 109 24.12 -28.11 -15.01
C ARG B 109 25.18 -28.62 -14.07
N LEU B 110 24.78 -29.06 -12.87
CA LEU B 110 25.73 -29.62 -11.93
C LEU B 110 25.59 -31.14 -11.89
N ILE B 111 26.67 -31.85 -12.20
CA ILE B 111 26.63 -33.31 -12.18
C ILE B 111 27.48 -33.93 -11.08
N VAL B 112 26.90 -34.89 -10.36
CA VAL B 112 27.60 -35.60 -9.32
C VAL B 112 28.36 -36.76 -9.95
N VAL B 113 29.67 -36.74 -9.79
CA VAL B 113 30.53 -37.73 -10.37
C VAL B 113 31.09 -38.64 -9.27
N GLY C 1 -26.44 5.39 1.64
CA GLY C 1 -26.15 6.03 0.30
C GLY C 1 -24.90 5.46 -0.36
N PRO C 2 -24.00 6.32 -0.90
CA PRO C 2 -22.70 5.95 -1.48
C PRO C 2 -21.64 5.65 -0.43
N HIS C 3 -20.69 4.77 -0.76
CA HIS C 3 -19.61 4.39 0.13
C HIS C 3 -18.30 4.19 -0.58
N SER C 4 -17.25 3.91 0.18
CA SER C 4 -15.93 3.76 -0.41
C SER C 4 -14.95 3.13 0.57
N LEU C 5 -13.98 2.42 0.00
CA LEU C 5 -12.95 1.73 0.74
C LEU C 5 -11.64 2.23 0.20
N ARG C 6 -10.81 2.77 1.09
CA ARG C 6 -9.53 3.34 0.69
C ARG C 6 -8.38 2.86 1.53
N TYR C 7 -7.18 2.96 0.98
CA TYR C 7 -5.99 2.59 1.71
C TYR C 7 -4.95 3.67 1.53
N PHE C 8 -4.50 4.23 2.65
CA PHE C 8 -3.50 5.30 2.65
C PHE C 8 -2.16 4.74 3.09
N VAL C 9 -1.21 4.70 2.19
CA VAL C 9 0.04 4.06 2.55
C VAL C 9 1.25 4.99 2.60
N THR C 10 2.04 4.85 3.65
CA THR C 10 3.22 5.68 3.77
C THR C 10 4.45 4.85 3.98
N ALA C 11 5.51 5.21 3.29
CA ALA C 11 6.79 4.53 3.44
C ALA C 11 7.85 5.61 3.59
N VAL C 12 8.37 5.76 4.79
CA VAL C 12 9.35 6.79 5.02
C VAL C 12 10.68 6.22 5.50
N SER C 13 11.77 6.62 4.84
CA SER C 13 13.11 6.12 5.17
C SER C 13 13.79 6.86 6.31
N ARG C 14 14.61 6.15 7.08
CA ARG C 14 15.37 6.72 8.21
C ARG C 14 16.82 6.31 8.03
N PRO C 15 17.54 6.95 7.10
CA PRO C 15 18.91 6.62 6.71
C PRO C 15 19.79 6.21 7.87
N GLY C 16 20.37 5.02 7.74
CA GLY C 16 21.28 4.48 8.76
C GLY C 16 20.72 4.58 10.17
N LEU C 17 19.40 4.46 10.29
CA LEU C 17 18.73 4.52 11.58
C LEU C 17 17.68 3.41 11.62
N GLY C 18 17.91 2.40 10.79
CA GLY C 18 17.02 1.27 10.72
C GLY C 18 16.39 1.22 9.36
N GLU C 19 15.46 0.29 9.19
CA GLU C 19 14.74 0.18 7.95
C GLU C 19 13.67 1.27 7.87
N PRO C 20 13.10 1.51 6.67
CA PRO C 20 12.07 2.52 6.45
C PRO C 20 10.80 2.15 7.16
N ARG C 21 10.12 3.15 7.71
CA ARG C 21 8.86 2.92 8.40
C ARG C 21 7.74 2.83 7.41
N PHE C 22 7.03 1.72 7.49
CA PHE C 22 5.93 1.45 6.59
C PHE C 22 4.63 1.46 7.37
N ILE C 23 3.64 2.20 6.86
CA ILE C 23 2.33 2.24 7.50
C ILE C 23 1.25 2.17 6.45
N SER C 24 0.30 1.26 6.66
CA SER C 24 -0.84 1.15 5.77
C SER C 24 -2.08 1.28 6.61
N VAL C 25 -2.87 2.31 6.31
CA VAL C 25 -4.09 2.55 7.05
C VAL C 25 -5.29 2.32 6.14
N GLY C 26 -6.33 1.72 6.69
CA GLY C 26 -7.50 1.40 5.88
C GLY C 26 -8.69 2.19 6.34
N TYR C 27 -9.51 2.64 5.39
CA TYR C 27 -10.70 3.45 5.70
C TYR C 27 -11.91 2.94 4.97
N VAL C 28 -13.06 3.13 5.59
CA VAL C 28 -14.36 2.82 5.01
C VAL C 28 -15.23 4.05 5.31
N ASP C 29 -15.61 4.75 4.25
CA ASP C 29 -16.40 5.96 4.40
C ASP C 29 -15.67 6.93 5.31
N ASN C 30 -14.38 7.12 5.04
CA ASN C 30 -13.55 8.06 5.79
C ASN C 30 -13.32 7.69 7.22
N THR C 31 -13.65 6.46 7.58
CA THR C 31 -13.47 6.01 8.94
C THR C 31 -12.37 4.95 8.99
N GLU C 32 -11.28 5.25 9.68
CA GLU C 32 -10.21 4.26 9.82
C GLU C 32 -10.82 2.97 10.40
N PHE C 33 -10.52 1.83 9.78
CA PHE C 33 -11.09 0.55 10.21
C PHE C 33 -10.06 -0.56 10.36
N VAL C 34 -8.84 -0.32 9.88
CA VAL C 34 -7.73 -1.27 9.97
C VAL C 34 -6.42 -0.49 9.94
N ARG C 35 -5.36 -1.05 10.49
CA ARG C 35 -4.05 -0.37 10.46
C ARG C 35 -2.85 -1.32 10.60
N PHE C 36 -1.72 -0.90 10.05
CA PHE C 36 -0.49 -1.65 10.14
C PHE C 36 0.72 -0.73 10.22
N ASP C 37 1.36 -0.70 11.38
CA ASP C 37 2.56 0.09 11.56
C ASP C 37 3.75 -0.85 11.79
N SER C 38 4.80 -0.68 10.99
CA SER C 38 6.01 -1.50 11.08
C SER C 38 6.85 -1.18 12.30
N ASP C 39 6.67 0.03 12.84
CA ASP C 39 7.44 0.44 13.99
C ASP C 39 6.83 -0.03 15.29
N ALA C 40 5.75 -0.81 15.17
CA ALA C 40 5.12 -1.41 16.33
C ALA C 40 5.92 -2.67 16.64
N GLU C 41 5.95 -3.04 17.91
CA GLU C 41 6.67 -4.25 18.31
C GLU C 41 5.91 -5.46 17.80
N ASN C 42 6.57 -6.30 16.99
CA ASN C 42 5.91 -7.44 16.35
C ASN C 42 4.67 -6.93 15.59
N PRO C 43 4.89 -6.29 14.43
CA PRO C 43 3.84 -5.66 13.66
C PRO C 43 2.67 -6.58 13.27
N ARG C 44 1.45 -6.13 13.53
CA ARG C 44 0.25 -6.86 13.15
C ARG C 44 -0.75 -5.91 12.50
N TYR C 45 -1.60 -6.47 11.64
CA TYR C 45 -2.63 -5.68 10.97
C TYR C 45 -3.83 -5.62 11.94
N GLU C 46 -3.78 -4.62 12.82
CA GLU C 46 -4.78 -4.42 13.90
C GLU C 46 -6.14 -3.87 13.42
N PRO C 47 -7.24 -4.33 14.03
CA PRO C 47 -8.57 -3.80 13.69
C PRO C 47 -8.77 -2.49 14.44
N ARG C 48 -9.03 -1.41 13.71
CA ARG C 48 -9.16 -0.13 14.35
C ARG C 48 -10.55 0.16 14.88
N ALA C 49 -11.55 -0.45 14.27
CA ALA C 49 -12.94 -0.31 14.72
C ALA C 49 -13.47 -1.61 15.30
N ARG C 50 -14.34 -1.49 16.30
CA ARG C 50 -14.93 -2.65 16.95
C ARG C 50 -15.58 -3.61 15.96
N TRP C 51 -16.44 -3.09 15.10
CA TRP C 51 -17.18 -3.94 14.17
C TRP C 51 -16.29 -4.79 13.28
N MET C 52 -14.97 -4.59 13.37
CA MET C 52 -14.03 -5.37 12.56
C MET C 52 -13.54 -6.61 13.27
N GLU C 53 -13.65 -6.62 14.60
CA GLU C 53 -13.18 -7.72 15.42
C GLU C 53 -13.89 -9.03 15.09
N GLN C 54 -14.91 -8.94 14.24
CA GLN C 54 -15.70 -10.11 13.85
C GLN C 54 -15.12 -10.86 12.63
N GLU C 55 -13.87 -10.59 12.31
CA GLU C 55 -13.22 -11.26 11.20
C GLU C 55 -12.35 -12.36 11.74
N GLY C 56 -12.31 -13.47 11.02
CA GLY C 56 -11.49 -14.60 11.41
C GLY C 56 -10.00 -14.31 11.42
N PRO C 57 -9.23 -15.00 12.29
CA PRO C 57 -7.78 -14.81 12.41
C PRO C 57 -7.08 -15.12 11.09
N GLU C 58 -7.80 -15.81 10.21
CA GLU C 58 -7.31 -16.18 8.88
C GLU C 58 -7.14 -14.91 8.06
N TYR C 59 -8.16 -14.05 8.11
CA TYR C 59 -8.12 -12.76 7.45
C TYR C 59 -6.96 -11.95 8.02
N TRP C 60 -6.89 -11.85 9.33
CA TRP C 60 -5.86 -11.04 9.99
C TRP C 60 -4.43 -11.46 9.66
N GLU C 61 -4.24 -12.77 9.49
CA GLU C 61 -2.93 -13.30 9.15
C GLU C 61 -2.61 -13.04 7.67
N ARG C 62 -3.64 -13.15 6.84
CA ARG C 62 -3.52 -12.92 5.41
C ARG C 62 -3.07 -11.47 5.17
N GLU C 63 -3.87 -10.54 5.65
CA GLU C 63 -3.62 -9.12 5.46
C GLU C 63 -2.30 -8.68 6.09
N THR C 64 -1.91 -9.33 7.17
CA THR C 64 -0.63 -9.02 7.79
C THR C 64 0.53 -9.43 6.90
N GLN C 65 0.44 -10.63 6.33
CA GLN C 65 1.50 -11.07 5.43
C GLN C 65 1.50 -10.26 4.15
N LYS C 66 0.34 -9.71 3.77
CA LYS C 66 0.27 -8.88 2.56
C LYS C 66 1.04 -7.59 2.76
N ALA C 67 0.80 -6.97 3.92
CA ALA C 67 1.43 -5.72 4.27
C ALA C 67 2.93 -5.89 4.32
N LYS C 68 3.38 -6.92 5.04
CA LYS C 68 4.80 -7.22 5.19
C LYS C 68 5.46 -7.31 3.81
N GLY C 69 4.75 -7.96 2.88
CA GLY C 69 5.22 -8.12 1.51
C GLY C 69 5.30 -6.78 0.79
N ASN C 70 4.27 -5.95 0.96
CA ASN C 70 4.25 -4.60 0.40
C ASN C 70 5.34 -3.72 1.01
N GLU C 71 5.53 -3.87 2.34
CA GLU C 71 6.54 -3.13 3.08
C GLU C 71 7.90 -3.39 2.43
N GLN C 72 8.04 -4.57 1.83
CA GLN C 72 9.27 -4.97 1.19
C GLN C 72 9.44 -4.34 -0.17
N SER C 73 8.41 -4.42 -1.00
CA SER C 73 8.51 -3.82 -2.31
C SER C 73 8.77 -2.33 -2.17
N PHE C 74 8.14 -1.74 -1.16
CA PHE C 74 8.29 -0.31 -0.93
C PHE C 74 9.69 0.09 -0.53
N ARG C 75 10.30 -0.75 0.30
CA ARG C 75 11.69 -0.58 0.73
C ARG C 75 12.61 -0.55 -0.50
N VAL C 76 12.19 -1.23 -1.56
CA VAL C 76 12.93 -1.28 -2.81
C VAL C 76 12.63 -0.04 -3.64
N ASP C 77 11.36 0.34 -3.71
CA ASP C 77 10.98 1.47 -4.53
C ASP C 77 11.72 2.72 -4.05
N LEU C 78 11.74 2.97 -2.74
CA LEU C 78 12.49 4.10 -2.19
C LEU C 78 13.91 4.25 -2.76
N ARG C 79 14.59 3.10 -2.92
CA ARG C 79 15.94 3.11 -3.45
C ARG C 79 15.92 3.36 -4.94
N THR C 80 14.83 2.92 -5.59
CA THR C 80 14.73 3.05 -7.05
C THR C 80 14.54 4.50 -7.44
N LEU C 81 13.72 5.21 -6.65
CA LEU C 81 13.42 6.62 -6.89
C LEU C 81 14.65 7.44 -6.59
N LEU C 82 15.29 7.08 -5.49
CA LEU C 82 16.56 7.67 -5.06
C LEU C 82 17.46 7.77 -6.27
N GLY C 83 17.39 6.79 -7.17
CA GLY C 83 18.21 6.84 -8.34
C GLY C 83 17.60 7.53 -9.55
N TYR C 84 16.28 7.67 -9.56
CA TYR C 84 15.60 8.32 -10.68
C TYR C 84 15.88 9.80 -10.54
N TYR C 85 16.03 10.20 -9.28
CA TYR C 85 16.24 11.58 -8.96
C TYR C 85 17.69 11.90 -8.60
N ASN C 86 18.55 10.87 -8.61
CA ASN C 86 19.96 11.04 -8.23
C ASN C 86 20.04 11.81 -6.92
N GLN C 87 19.54 11.19 -5.86
CA GLN C 87 19.53 11.80 -4.55
C GLN C 87 20.45 11.03 -3.64
N SER C 88 21.11 11.74 -2.74
CA SER C 88 22.04 11.10 -1.83
C SER C 88 21.29 10.03 -1.08
N LYS C 89 21.98 8.94 -0.77
CA LYS C 89 21.32 7.86 -0.08
C LYS C 89 21.15 8.22 1.38
N GLY C 90 21.93 9.20 1.83
CA GLY C 90 21.89 9.60 3.23
C GLY C 90 20.68 10.37 3.70
N GLY C 91 19.96 11.00 2.78
CA GLY C 91 18.75 11.75 3.15
C GLY C 91 17.51 10.88 3.27
N SER C 92 16.58 11.30 4.14
CA SER C 92 15.31 10.61 4.29
C SER C 92 14.36 11.01 3.17
N HIS C 93 13.36 10.18 2.89
CA HIS C 93 12.34 10.45 1.85
C HIS C 93 11.05 9.72 2.14
N THR C 94 9.99 10.06 1.40
CA THR C 94 8.66 9.49 1.65
C THR C 94 7.89 9.14 0.39
N ILE C 95 7.18 8.02 0.48
CA ILE C 95 6.30 7.58 -0.58
C ILE C 95 4.92 7.41 0.06
N GLN C 96 3.91 7.99 -0.57
CA GLN C 96 2.59 7.87 -0.02
C GLN C 96 1.77 7.36 -1.13
N VAL C 97 0.73 6.61 -0.80
CA VAL C 97 -0.15 6.07 -1.82
C VAL C 97 -1.56 6.10 -1.35
N ILE C 98 -2.48 6.32 -2.27
CA ILE C 98 -3.90 6.34 -1.94
C ILE C 98 -4.54 5.47 -2.97
N SER C 99 -5.19 4.39 -2.51
CA SER C 99 -5.81 3.43 -3.42
C SER C 99 -7.16 3.04 -2.91
N GLY C 100 -8.10 2.85 -3.81
CA GLY C 100 -9.42 2.42 -3.38
C GLY C 100 -10.47 2.70 -4.42
N CYS C 101 -11.73 2.48 -4.05
CA CYS C 101 -12.84 2.70 -4.96
C CYS C 101 -13.92 3.35 -4.18
N GLU C 102 -14.79 4.07 -4.89
CA GLU C 102 -15.96 4.70 -4.31
C GLU C 102 -17.19 4.19 -5.09
N VAL C 103 -18.11 3.53 -4.39
CA VAL C 103 -19.28 2.94 -5.03
C VAL C 103 -20.54 3.70 -4.69
N GLY C 104 -21.48 3.71 -5.62
CA GLY C 104 -22.77 4.38 -5.40
C GLY C 104 -23.80 3.54 -4.67
N SER C 105 -24.90 4.15 -4.25
CA SER C 105 -25.96 3.40 -3.56
C SER C 105 -26.49 2.25 -4.42
N ASP C 106 -26.29 2.36 -5.73
CA ASP C 106 -26.74 1.32 -6.67
C ASP C 106 -25.77 0.16 -6.70
N GLY C 107 -24.64 0.31 -6.02
CA GLY C 107 -23.66 -0.76 -5.91
C GLY C 107 -22.72 -0.76 -7.10
N ARG C 108 -22.84 0.26 -7.93
CA ARG C 108 -22.02 0.37 -9.13
C ARG C 108 -20.76 1.19 -8.89
N LEU C 109 -19.74 0.98 -9.71
CA LEU C 109 -18.50 1.70 -9.54
C LEU C 109 -18.62 3.16 -9.94
N LEU C 110 -18.36 4.09 -9.03
CA LEU C 110 -18.39 5.49 -9.42
C LEU C 110 -17.01 6.04 -9.77
N ARG C 111 -16.00 5.55 -9.08
CA ARG C 111 -14.66 6.01 -9.33
C ARG C 111 -13.65 5.13 -8.58
N GLY C 112 -12.70 4.59 -9.32
CA GLY C 112 -11.64 3.81 -8.72
C GLY C 112 -10.40 4.66 -8.86
N TYR C 113 -9.37 4.38 -8.10
CA TYR C 113 -8.17 5.20 -8.22
C TYR C 113 -6.96 4.76 -7.40
N GLN C 114 -5.83 5.31 -7.82
CA GLN C 114 -4.56 4.98 -7.27
C GLN C 114 -3.58 6.12 -7.53
N GLN C 115 -3.15 6.81 -6.47
CA GLN C 115 -2.21 7.88 -6.66
C GLN C 115 -1.00 7.74 -5.78
N TYR C 116 0.14 8.15 -6.34
CA TYR C 116 1.40 8.08 -5.63
C TYR C 116 1.94 9.46 -5.43
N ALA C 117 2.78 9.61 -4.40
CA ALA C 117 3.43 10.88 -4.10
C ALA C 117 4.80 10.62 -3.51
N TYR C 118 5.76 11.42 -3.93
CA TYR C 118 7.13 11.32 -3.44
C TYR C 118 7.54 12.62 -2.76
N ASP C 119 7.61 12.59 -1.44
CA ASP C 119 7.98 13.76 -0.66
C ASP C 119 6.88 14.83 -0.71
N GLY C 120 5.63 14.41 -0.77
CA GLY C 120 4.53 15.36 -0.76
C GLY C 120 4.14 15.95 -2.11
N CYS C 121 4.68 15.43 -3.20
CA CYS C 121 4.29 15.94 -4.51
C CYS C 121 3.76 14.80 -5.35
N ASP C 122 2.66 15.03 -6.06
CA ASP C 122 2.03 13.98 -6.85
C ASP C 122 3.06 13.34 -7.76
N TYR C 123 3.16 12.00 -7.74
CA TYR C 123 4.11 11.26 -8.58
C TYR C 123 3.51 10.73 -9.89
N ILE C 124 2.55 9.82 -9.77
CA ILE C 124 1.86 9.28 -10.93
C ILE C 124 0.48 8.91 -10.46
N ALA C 125 -0.50 9.04 -11.35
CA ALA C 125 -1.86 8.66 -11.01
C ALA C 125 -2.49 7.82 -12.11
N LEU C 126 -3.49 7.01 -11.72
CA LEU C 126 -4.22 6.20 -12.68
C LEU C 126 -5.40 7.08 -13.05
N ASN C 127 -5.66 7.19 -14.35
CA ASN C 127 -6.68 8.08 -14.85
C ASN C 127 -8.10 7.57 -14.65
N GLU C 128 -9.04 8.50 -14.82
CA GLU C 128 -10.48 8.22 -14.78
C GLU C 128 -10.83 6.92 -15.46
N ASP C 129 -10.23 6.68 -16.64
CA ASP C 129 -10.54 5.55 -17.50
C ASP C 129 -10.07 4.21 -16.95
N LEU C 130 -9.25 4.23 -15.90
CA LEU C 130 -8.70 3.01 -15.34
C LEU C 130 -7.89 2.19 -16.35
N LYS C 131 -7.30 2.87 -17.33
CA LYS C 131 -6.57 2.22 -18.40
C LYS C 131 -5.22 2.88 -18.62
N THR C 132 -5.17 4.19 -18.44
CA THR C 132 -3.97 4.95 -18.72
C THR C 132 -3.42 5.60 -17.47
N TRP C 133 -2.19 6.10 -17.58
CA TRP C 133 -1.54 6.75 -16.46
C TRP C 133 -1.21 8.17 -16.80
N THR C 134 -0.97 8.96 -15.76
CA THR C 134 -0.49 10.31 -15.92
C THR C 134 0.72 10.51 -15.01
N ALA C 135 1.84 10.82 -15.65
CA ALA C 135 3.10 11.06 -14.97
C ALA C 135 3.18 12.53 -14.61
N ALA C 136 3.82 12.86 -13.50
CA ALA C 136 3.92 14.27 -13.13
C ALA C 136 5.33 14.86 -13.26
N ASP C 137 6.26 14.10 -13.81
CA ASP C 137 7.63 14.57 -13.98
C ASP C 137 8.45 13.47 -14.63
N MET C 138 9.67 13.79 -15.04
CA MET C 138 10.54 12.84 -15.74
C MET C 138 10.59 11.50 -15.04
N ALA C 139 10.71 11.53 -13.73
CA ALA C 139 10.83 10.31 -12.95
C ALA C 139 9.60 9.43 -13.11
N ALA C 140 8.43 9.99 -12.85
CA ALA C 140 7.21 9.24 -12.97
C ALA C 140 7.08 8.61 -14.36
N LEU C 141 7.49 9.31 -15.41
CA LEU C 141 7.46 8.71 -16.75
C LEU C 141 8.07 7.31 -16.82
N ILE C 142 9.17 7.09 -16.11
CA ILE C 142 9.83 5.79 -16.10
C ILE C 142 8.87 4.73 -15.53
N THR C 143 8.39 4.96 -14.31
CA THR C 143 7.40 4.06 -13.75
C THR C 143 6.25 3.90 -14.72
N LYS C 144 5.81 5.02 -15.29
CA LYS C 144 4.70 4.99 -16.25
C LYS C 144 4.96 4.01 -17.39
N HIS C 145 6.08 4.19 -18.07
CA HIS C 145 6.38 3.37 -19.23
C HIS C 145 6.52 1.90 -18.86
N LYS C 146 7.18 1.61 -17.75
CA LYS C 146 7.27 0.24 -17.25
C LYS C 146 5.88 -0.33 -17.00
N TRP C 147 5.06 0.40 -16.25
CA TRP C 147 3.73 -0.11 -15.96
C TRP C 147 2.89 -0.28 -17.22
N GLU C 148 3.20 0.50 -18.26
CA GLU C 148 2.47 0.32 -19.50
C GLU C 148 2.92 -1.01 -20.09
N GLN C 149 4.23 -1.18 -20.12
CA GLN C 149 4.86 -2.33 -20.72
C GLN C 149 4.55 -3.60 -19.97
N ALA C 150 3.98 -3.48 -18.78
CA ALA C 150 3.69 -4.67 -17.97
C ALA C 150 2.22 -4.96 -17.71
N GLY C 151 1.34 -4.13 -18.26
CA GLY C 151 -0.09 -4.33 -18.03
C GLY C 151 -0.59 -3.99 -16.63
N GLU C 152 0.25 -3.33 -15.82
CA GLU C 152 -0.08 -2.95 -14.46
C GLU C 152 -1.48 -2.38 -14.29
N ALA C 153 -1.85 -1.45 -15.17
CA ALA C 153 -3.17 -0.85 -15.07
C ALA C 153 -4.32 -1.86 -15.15
N GLU C 154 -4.16 -2.84 -16.03
CA GLU C 154 -5.16 -3.89 -16.21
C GLU C 154 -5.30 -4.68 -14.91
N ARG C 155 -4.16 -4.96 -14.28
CA ARG C 155 -4.20 -5.78 -13.10
C ARG C 155 -4.82 -4.99 -12.00
N LEU C 156 -4.33 -3.76 -11.88
CA LEU C 156 -4.80 -2.83 -10.87
C LEU C 156 -6.29 -2.62 -11.05
N ARG C 157 -6.72 -2.39 -12.29
CA ARG C 157 -8.13 -2.18 -12.56
C ARG C 157 -8.91 -3.34 -11.97
N ALA C 158 -8.61 -4.52 -12.48
CA ALA C 158 -9.23 -5.76 -12.02
C ALA C 158 -9.46 -5.75 -10.50
N TYR C 159 -8.53 -5.17 -9.77
CA TYR C 159 -8.61 -5.10 -8.32
C TYR C 159 -9.62 -4.05 -7.89
N LEU C 160 -9.54 -2.85 -8.46
CA LEU C 160 -10.44 -1.75 -8.14
C LEU C 160 -11.91 -2.05 -8.42
N GLU C 161 -12.20 -2.68 -9.57
CA GLU C 161 -13.58 -2.99 -9.95
C GLU C 161 -14.15 -4.18 -9.21
N GLY C 162 -13.31 -5.17 -8.92
CA GLY C 162 -13.79 -6.36 -8.26
C GLY C 162 -13.40 -6.53 -6.81
N THR C 163 -12.20 -7.04 -6.59
CA THR C 163 -11.73 -7.33 -5.23
C THR C 163 -12.08 -6.21 -4.26
N CYS C 164 -11.68 -5.01 -4.61
CA CYS C 164 -11.87 -3.84 -3.77
C CYS C 164 -13.33 -3.58 -3.42
N VAL C 165 -14.20 -3.69 -4.41
CA VAL C 165 -15.64 -3.54 -4.23
C VAL C 165 -16.22 -4.59 -3.29
N GLU C 166 -16.01 -5.87 -3.60
CA GLU C 166 -16.58 -6.95 -2.81
C GLU C 166 -16.24 -6.82 -1.35
N TRP C 167 -15.00 -6.42 -1.09
CA TRP C 167 -14.54 -6.26 0.28
C TRP C 167 -15.18 -5.05 0.90
N LEU C 168 -15.50 -4.05 0.10
CA LEU C 168 -16.19 -2.89 0.63
C LEU C 168 -17.57 -3.33 1.05
N ARG C 169 -18.17 -4.20 0.24
CA ARG C 169 -19.48 -4.74 0.53
C ARG C 169 -19.49 -5.49 1.87
N ARG C 170 -18.51 -6.38 2.03
CA ARG C 170 -18.41 -7.18 3.22
C ARG C 170 -18.15 -6.37 4.47
N TYR C 171 -17.25 -5.39 4.40
CA TYR C 171 -16.96 -4.58 5.58
C TYR C 171 -18.19 -3.79 6.04
N LEU C 172 -18.92 -3.23 5.09
CA LEU C 172 -20.11 -2.43 5.37
C LEU C 172 -21.22 -3.21 6.05
N LYS C 173 -21.37 -4.47 5.70
CA LYS C 173 -22.42 -5.25 6.30
C LYS C 173 -22.10 -5.40 7.79
N ASN C 174 -20.85 -5.73 8.08
CA ASN C 174 -20.42 -5.95 9.45
C ASN C 174 -20.30 -4.68 10.28
N GLY C 175 -20.43 -3.52 9.64
CA GLY C 175 -20.26 -2.27 10.37
C GLY C 175 -20.99 -1.04 9.91
N ASN C 176 -22.08 -1.21 9.17
CA ASN C 176 -22.89 -0.05 8.73
C ASN C 176 -23.53 0.56 9.96
N ALA C 177 -24.03 -0.31 10.81
CA ALA C 177 -24.66 0.06 12.07
C ALA C 177 -23.84 1.13 12.79
N THR C 178 -22.56 0.85 12.94
CA THR C 178 -21.64 1.75 13.62
C THR C 178 -21.38 2.99 12.76
N LEU C 179 -21.17 2.77 11.47
CA LEU C 179 -20.88 3.88 10.57
C LEU C 179 -22.00 4.91 10.49
N LEU C 180 -23.16 4.59 11.06
CA LEU C 180 -24.28 5.53 11.05
C LEU C 180 -24.32 6.44 12.27
N ARG C 181 -23.52 6.10 13.29
CA ARG C 181 -23.49 6.87 14.54
C ARG C 181 -23.45 8.37 14.30
N THR C 182 -24.18 9.11 15.11
CA THR C 182 -24.20 10.58 15.02
C THR C 182 -24.37 11.22 16.38
N ASP C 183 -23.60 12.29 16.62
CA ASP C 183 -23.63 13.04 17.89
C ASP C 183 -23.92 14.52 17.63
N SER C 184 -25.08 14.99 18.10
CA SER C 184 -25.50 16.37 17.90
C SER C 184 -24.63 17.31 18.72
N PRO C 185 -24.27 18.47 18.16
CA PRO C 185 -23.45 19.45 18.88
C PRO C 185 -24.22 20.16 19.99
N LYS C 186 -23.53 20.58 21.04
CA LYS C 186 -24.14 21.38 22.10
C LYS C 186 -23.54 22.77 21.97
N ALA C 187 -24.38 23.80 21.89
CA ALA C 187 -23.85 25.13 21.64
C ALA C 187 -24.12 26.16 22.72
N HIS C 188 -23.13 27.00 22.96
CA HIS C 188 -23.28 28.10 23.90
C HIS C 188 -22.44 29.27 23.36
N VAL C 189 -22.78 30.48 23.78
CA VAL C 189 -22.06 31.66 23.29
C VAL C 189 -21.33 32.34 24.45
N THR C 190 -20.24 33.04 24.13
CA THR C 190 -19.45 33.71 25.16
C THR C 190 -19.13 35.16 24.79
N HIS C 191 -19.09 35.99 25.82
CA HIS C 191 -18.84 37.41 25.66
C HIS C 191 -17.39 37.68 26.05
N HIS C 192 -16.69 38.49 25.27
CA HIS C 192 -15.29 38.78 25.57
C HIS C 192 -14.90 40.24 25.64
N SER C 193 -14.08 40.53 26.66
CA SER C 193 -13.54 41.87 26.91
C SER C 193 -13.40 42.67 25.61
N ARG C 194 -12.29 42.44 24.88
CA ARG C 194 -12.01 43.18 23.64
C ARG C 194 -12.12 44.70 23.95
N PRO C 195 -11.17 45.24 24.74
CA PRO C 195 -11.24 46.65 25.20
C PRO C 195 -11.45 47.68 24.08
N GLU C 196 -12.53 48.47 24.21
CA GLU C 196 -12.87 49.54 23.28
C GLU C 196 -14.39 49.75 23.27
N ASP C 197 -14.91 50.22 22.14
CA ASP C 197 -16.35 50.37 21.96
C ASP C 197 -16.94 49.10 21.34
N LYS C 198 -16.22 47.99 21.45
CA LYS C 198 -16.66 46.75 20.84
C LYS C 198 -16.50 45.53 21.75
N VAL C 199 -17.06 44.38 21.33
CA VAL C 199 -16.96 43.11 22.09
C VAL C 199 -17.00 41.88 21.16
N THR C 200 -16.41 40.78 21.62
CA THR C 200 -16.38 39.56 20.83
C THR C 200 -17.34 38.50 21.36
N LEU C 201 -18.15 37.97 20.46
CA LEU C 201 -19.09 36.92 20.80
C LEU C 201 -18.62 35.64 20.11
N ARG C 202 -18.39 34.61 20.89
CA ARG C 202 -17.90 33.35 20.34
C ARG C 202 -18.94 32.24 20.45
N CYS C 203 -19.36 31.73 19.31
CA CYS C 203 -20.36 30.67 19.24
C CYS C 203 -19.69 29.30 19.19
N TRP C 204 -19.79 28.55 20.29
CA TRP C 204 -19.16 27.24 20.40
C TRP C 204 -20.14 26.13 20.08
N ALA C 205 -19.62 25.10 19.42
CA ALA C 205 -20.34 23.87 19.12
C ALA C 205 -19.41 22.76 19.54
N LEU C 206 -19.81 21.93 20.50
CA LEU C 206 -18.90 20.88 20.96
C LEU C 206 -19.51 19.51 21.04
N GLY C 207 -18.63 18.52 21.02
CA GLY C 207 -19.04 17.14 21.17
C GLY C 207 -19.97 16.66 20.08
N PHE C 208 -19.65 16.94 18.82
CA PHE C 208 -20.47 16.49 17.71
C PHE C 208 -19.74 15.56 16.75
N TYR C 209 -20.51 14.79 15.99
CA TYR C 209 -19.96 13.86 15.01
C TYR C 209 -21.06 13.54 14.02
N PRO C 210 -20.71 13.43 12.71
CA PRO C 210 -19.37 13.61 12.09
C PRO C 210 -18.76 15.00 12.25
N ALA C 211 -17.58 15.20 11.69
CA ALA C 211 -16.93 16.51 11.83
C ALA C 211 -17.59 17.62 11.00
N ASP C 212 -18.45 17.23 10.07
CA ASP C 212 -19.18 18.15 9.21
C ASP C 212 -20.16 19.04 9.95
N ILE C 213 -19.96 20.35 9.87
CA ILE C 213 -20.80 21.30 10.58
C ILE C 213 -20.62 22.69 9.95
N THR C 214 -21.58 23.56 10.19
CA THR C 214 -21.50 24.91 9.66
C THR C 214 -21.98 25.89 10.71
N LEU C 215 -21.19 26.91 11.00
CA LEU C 215 -21.59 27.88 12.01
C LEU C 215 -21.65 29.25 11.37
N THR C 216 -22.76 29.96 11.56
CA THR C 216 -22.93 31.25 10.93
C THR C 216 -23.59 32.28 11.84
N TRP C 217 -23.18 33.54 11.72
CA TRP C 217 -23.75 34.63 12.52
C TRP C 217 -24.67 35.53 11.70
N GLN C 218 -25.70 36.06 12.35
CA GLN C 218 -26.64 36.93 11.69
C GLN C 218 -26.91 38.21 12.48
N LEU C 219 -27.21 39.28 11.75
CA LEU C 219 -27.57 40.56 12.37
C LEU C 219 -28.98 40.90 11.92
N ASN C 220 -29.95 40.70 12.80
CA ASN C 220 -31.34 40.97 12.46
C ASN C 220 -31.72 40.26 11.18
N GLY C 221 -31.51 38.96 11.13
CA GLY C 221 -31.86 38.19 9.93
C GLY C 221 -30.86 38.15 8.80
N GLU C 222 -30.17 39.27 8.55
CA GLU C 222 -29.16 39.33 7.49
C GLU C 222 -27.91 38.59 7.96
N GLU C 223 -27.18 38.00 7.02
CA GLU C 223 -26.01 37.18 7.36
C GLU C 223 -24.69 37.97 7.31
N LEU C 224 -23.68 37.45 8.02
CA LEU C 224 -22.38 38.11 8.11
C LEU C 224 -21.38 37.34 7.25
N ILE C 225 -20.72 38.07 6.36
CA ILE C 225 -19.77 37.49 5.39
C ILE C 225 -18.35 38.03 5.61
N GLN C 226 -18.22 39.05 6.46
CA GLN C 226 -16.93 39.66 6.74
C GLN C 226 -16.46 39.35 8.16
N ASP C 227 -15.18 39.65 8.41
CA ASP C 227 -14.55 39.52 9.73
C ASP C 227 -15.12 38.46 10.67
N MET C 228 -15.46 37.29 10.13
CA MET C 228 -15.90 36.17 10.96
C MET C 228 -14.66 35.36 11.29
N GLU C 229 -14.42 35.11 12.57
CA GLU C 229 -13.28 34.28 12.99
C GLU C 229 -13.71 32.84 13.19
N LEU C 230 -13.13 31.93 12.41
CA LEU C 230 -13.42 30.50 12.54
C LEU C 230 -12.15 29.73 12.81
N VAL C 231 -12.30 28.51 13.29
CA VAL C 231 -11.17 27.64 13.54
C VAL C 231 -11.46 26.29 12.93
N GLU C 232 -10.47 25.72 12.24
CA GLU C 232 -10.64 24.42 11.63
C GLU C 232 -11.26 23.46 12.64
N THR C 233 -12.31 22.77 12.21
CA THR C 233 -12.99 21.81 13.07
C THR C 233 -11.89 20.94 13.63
N ARG C 234 -11.88 20.77 14.94
CA ARG C 234 -10.84 19.99 15.60
C ARG C 234 -11.42 18.82 16.38
N PRO C 235 -10.60 17.77 16.59
CA PRO C 235 -10.97 16.56 17.34
C PRO C 235 -10.88 16.83 18.85
N ALA C 236 -11.92 16.41 19.56
CA ALA C 236 -11.93 16.61 20.99
C ALA C 236 -11.10 15.50 21.67
N GLY C 237 -10.63 14.57 20.86
CA GLY C 237 -9.82 13.46 21.36
C GLY C 237 -10.65 12.43 22.10
N ASP C 238 -11.92 12.32 21.73
CA ASP C 238 -12.82 11.38 22.38
C ASP C 238 -13.86 10.90 21.41
N GLY C 239 -13.54 10.99 20.12
CA GLY C 239 -14.47 10.54 19.09
C GLY C 239 -15.27 11.66 18.48
N THR C 240 -15.50 12.73 19.24
CA THR C 240 -16.27 13.89 18.78
C THR C 240 -15.39 15.09 18.42
N PHE C 241 -16.00 16.08 17.77
CA PHE C 241 -15.30 17.28 17.35
C PHE C 241 -15.93 18.54 17.90
N GLN C 242 -15.23 19.65 17.70
CA GLN C 242 -15.71 20.90 18.20
C GLN C 242 -15.20 21.98 17.25
N LYS C 243 -15.92 23.12 17.22
CA LYS C 243 -15.57 24.25 16.36
C LYS C 243 -16.28 25.51 16.87
N TRP C 244 -15.65 26.66 16.66
CA TRP C 244 -16.29 27.93 17.01
C TRP C 244 -16.19 29.05 15.97
N ALA C 245 -17.01 30.08 16.12
CA ALA C 245 -16.99 31.22 15.23
C ALA C 245 -17.33 32.46 16.02
N SER C 246 -16.68 33.58 15.71
CA SER C 246 -16.87 34.81 16.48
C SER C 246 -16.91 36.07 15.62
N VAL C 247 -17.51 37.12 16.18
CA VAL C 247 -17.58 38.41 15.51
C VAL C 247 -17.47 39.48 16.58
N VAL C 248 -16.82 40.60 16.23
CA VAL C 248 -16.73 41.75 17.15
C VAL C 248 -17.83 42.76 16.87
N VAL C 249 -18.89 42.68 17.67
CA VAL C 249 -20.05 43.56 17.50
C VAL C 249 -19.95 44.81 18.40
N PRO C 250 -20.50 45.94 17.94
CA PRO C 250 -20.52 47.15 18.80
C PRO C 250 -21.23 46.83 20.13
N LEU C 251 -20.61 47.25 21.22
CA LEU C 251 -21.16 47.04 22.55
C LEU C 251 -22.62 47.50 22.64
N GLY C 252 -23.40 46.78 23.43
CA GLY C 252 -24.83 47.07 23.55
C GLY C 252 -25.63 46.29 22.53
N LYS C 253 -25.17 46.32 21.27
CA LYS C 253 -25.86 45.66 20.16
C LYS C 253 -25.82 44.12 20.21
N GLU C 254 -25.45 43.56 21.36
CA GLU C 254 -25.32 42.11 21.51
C GLU C 254 -26.52 41.37 20.96
N GLN C 255 -27.71 41.65 21.52
CA GLN C 255 -28.94 40.99 21.11
C GLN C 255 -29.22 40.94 19.59
N TYR C 256 -28.83 42.00 18.87
CA TYR C 256 -29.11 42.12 17.44
C TYR C 256 -28.44 41.06 16.57
N TYR C 257 -27.48 40.33 17.15
CA TYR C 257 -26.74 39.29 16.45
C TYR C 257 -27.10 37.90 16.96
N THR C 258 -27.29 36.95 16.05
CA THR C 258 -27.63 35.59 16.43
C THR C 258 -26.78 34.61 15.68
N CYS C 259 -26.43 33.52 16.35
CA CYS C 259 -25.62 32.46 15.80
C CYS C 259 -26.47 31.28 15.37
N HIS C 260 -26.04 30.61 14.31
CA HIS C 260 -26.77 29.47 13.76
C HIS C 260 -25.86 28.25 13.58
N VAL C 261 -26.40 27.06 13.90
CA VAL C 261 -25.66 25.81 13.79
C VAL C 261 -26.42 24.72 13.04
N TYR C 262 -25.84 24.24 11.95
CA TYR C 262 -26.46 23.24 11.10
C TYR C 262 -25.63 21.98 11.17
N HIS C 263 -26.22 20.87 11.58
CA HIS C 263 -25.48 19.61 11.66
C HIS C 263 -26.41 18.42 11.45
N GLN C 264 -26.05 17.52 10.54
CA GLN C 264 -26.89 16.37 10.16
C GLN C 264 -27.50 15.61 11.35
N GLY C 265 -26.84 15.73 12.50
CA GLY C 265 -27.32 15.11 13.72
C GLY C 265 -28.51 15.82 14.33
N LEU C 266 -28.52 17.16 14.24
CA LEU C 266 -29.58 17.95 14.84
C LEU C 266 -30.91 17.72 14.16
N PRO C 267 -31.99 17.76 14.93
CA PRO C 267 -33.31 17.58 14.35
C PRO C 267 -33.71 18.86 13.60
N GLU C 268 -32.98 19.95 13.89
CA GLU C 268 -33.25 21.25 13.28
C GLU C 268 -32.24 22.28 13.74
N PRO C 269 -31.82 23.15 12.81
CA PRO C 269 -30.78 24.15 13.02
C PRO C 269 -31.01 25.03 14.23
N LEU C 270 -30.25 24.77 15.27
CA LEU C 270 -30.44 25.51 16.49
C LEU C 270 -29.96 26.95 16.32
N THR C 271 -30.47 27.85 17.17
CA THR C 271 -30.12 29.28 17.09
C THR C 271 -29.72 29.82 18.45
N LEU C 272 -28.55 30.45 18.50
CA LEU C 272 -27.98 30.95 19.74
C LEU C 272 -27.94 32.47 19.77
N ARG C 273 -27.88 33.02 20.98
CA ARG C 273 -27.96 34.46 21.14
C ARG C 273 -26.93 35.01 22.11
N TRP C 274 -26.52 34.19 23.08
CA TRP C 274 -25.70 34.64 24.22
C TRP C 274 -26.67 35.25 25.22
N GLU C 275 -26.77 34.65 26.40
CA GLU C 275 -27.69 35.14 27.40
C GLU C 275 -26.93 35.59 28.65
N PRO C 276 -26.97 36.90 28.97
CA PRO C 276 -26.32 37.50 30.13
C PRO C 276 -26.71 36.85 31.46
N MET D 1 8.64 17.36 -3.26
CA MET D 1 10.01 17.79 -2.88
C MET D 1 9.95 18.95 -1.89
N ILE D 2 8.80 19.62 -1.84
CA ILE D 2 8.61 20.77 -0.95
C ILE D 2 8.10 20.40 0.44
N GLN D 3 8.57 21.15 1.45
CA GLN D 3 8.20 20.95 2.87
C GLN D 3 7.08 21.87 3.29
N LYS D 4 6.15 21.35 4.10
CA LYS D 4 5.03 22.16 4.59
C LYS D 4 5.09 22.34 6.10
N THR D 5 5.07 23.61 6.53
CA THR D 5 5.13 23.96 7.95
C THR D 5 3.81 23.63 8.66
N PRO D 6 3.90 23.19 9.93
CA PRO D 6 2.76 22.80 10.77
C PRO D 6 1.77 23.90 11.07
N GLN D 7 0.61 23.50 11.58
CA GLN D 7 -0.45 24.41 12.02
C GLN D 7 -0.86 23.88 13.37
N ILE D 8 -0.52 24.62 14.43
CA ILE D 8 -0.80 24.15 15.77
C ILE D 8 -2.11 24.70 16.29
N GLN D 9 -2.76 23.92 17.16
CA GLN D 9 -4.03 24.31 17.76
C GLN D 9 -4.18 23.61 19.11
N VAL D 10 -3.95 24.37 20.18
CA VAL D 10 -4.05 23.86 21.54
C VAL D 10 -5.36 24.30 22.17
N TYR D 11 -6.08 23.35 22.75
CA TYR D 11 -7.40 23.63 23.28
C TYR D 11 -7.79 22.50 24.21
N SER D 12 -8.79 22.73 25.04
CA SER D 12 -9.20 21.71 25.99
C SER D 12 -10.29 20.81 25.44
N ARG D 13 -10.39 19.59 25.96
CA ARG D 13 -11.45 18.67 25.52
C ARG D 13 -12.79 19.17 26.00
N HIS D 14 -12.85 19.52 27.29
CA HIS D 14 -14.04 20.06 27.90
C HIS D 14 -13.71 21.52 28.23
N PRO D 15 -14.72 22.37 28.44
CA PRO D 15 -14.49 23.78 28.82
C PRO D 15 -13.65 23.93 30.10
N PRO D 16 -12.60 24.77 30.04
CA PRO D 16 -11.69 24.96 31.18
C PRO D 16 -12.38 25.33 32.49
N GLU D 17 -12.44 24.35 33.39
CA GLU D 17 -13.03 24.52 34.71
C GLU D 17 -11.92 24.58 35.76
N ASN D 18 -11.50 25.80 36.12
CA ASN D 18 -10.42 25.98 37.09
C ASN D 18 -10.54 25.03 38.28
N GLY D 19 -9.44 24.35 38.59
CA GLY D 19 -9.46 23.39 39.68
C GLY D 19 -9.79 21.98 39.21
N LYS D 20 -10.79 21.85 38.33
CA LYS D 20 -11.24 20.53 37.86
C LYS D 20 -10.37 19.94 36.74
N PRO D 21 -10.08 18.62 36.82
CA PRO D 21 -9.27 17.91 35.81
C PRO D 21 -9.89 17.92 34.40
N ASN D 22 -9.03 18.03 33.39
CA ASN D 22 -9.45 18.08 31.99
C ASN D 22 -8.33 17.52 31.12
N ILE D 23 -8.58 17.44 29.81
CA ILE D 23 -7.59 16.96 28.84
C ILE D 23 -7.14 18.10 27.92
N LEU D 24 -5.83 18.32 27.85
CA LEU D 24 -5.30 19.36 26.98
C LEU D 24 -4.79 18.77 25.67
N ASN D 25 -5.40 19.20 24.59
CA ASN D 25 -5.05 18.73 23.26
C ASN D 25 -4.20 19.73 22.51
N CYS D 26 -3.24 19.20 21.74
CA CYS D 26 -2.38 19.98 20.88
C CYS D 26 -2.44 19.40 19.47
N TYR D 27 -3.39 19.90 18.69
CA TYR D 27 -3.63 19.37 17.35
C TYR D 27 -2.67 19.98 16.33
N VAL D 28 -1.91 19.13 15.65
CA VAL D 28 -0.91 19.57 14.67
C VAL D 28 -1.22 18.98 13.30
N THR D 29 -1.26 19.85 12.28
CA THR D 29 -1.64 19.42 10.95
C THR D 29 -0.94 20.22 9.85
N GLN D 30 -1.19 19.83 8.59
CA GLN D 30 -0.67 20.50 7.40
C GLN D 30 0.83 20.40 7.22
N PHE D 31 1.47 19.42 7.85
CA PHE D 31 2.93 19.33 7.77
C PHE D 31 3.47 18.16 6.93
N HIS D 32 4.74 18.25 6.60
CA HIS D 32 5.43 17.29 5.75
C HIS D 32 6.90 17.71 5.69
N PRO D 33 7.85 16.76 5.82
CA PRO D 33 7.71 15.32 6.02
C PRO D 33 7.06 15.02 7.35
N PRO D 34 6.77 13.76 7.60
CA PRO D 34 6.13 13.29 8.83
C PRO D 34 7.00 13.29 10.07
N HIS D 35 8.28 13.60 9.90
CA HIS D 35 9.19 13.66 11.04
C HIS D 35 8.91 14.93 11.87
N ILE D 36 8.38 14.73 13.07
CA ILE D 36 8.02 15.85 13.94
C ILE D 36 8.13 15.47 15.40
N GLU D 37 8.63 16.42 16.19
CA GLU D 37 8.78 16.24 17.63
C GLU D 37 7.78 17.20 18.32
N ILE D 38 6.79 16.62 19.01
CA ILE D 38 5.78 17.41 19.72
C ILE D 38 5.87 17.22 21.23
N GLN D 39 5.92 18.35 21.95
CA GLN D 39 5.96 18.34 23.41
C GLN D 39 5.12 19.44 24.05
N MET D 40 4.48 19.12 25.17
CA MET D 40 3.62 20.05 25.90
C MET D 40 4.21 20.55 27.22
N LEU D 41 4.24 21.86 27.36
CA LEU D 41 4.83 22.54 28.52
C LEU D 41 3.83 22.76 29.67
N LYS D 42 4.21 23.63 30.60
CA LYS D 42 3.42 24.01 31.79
C LYS D 42 4.20 25.07 32.56
N ASN D 43 3.90 26.34 32.26
CA ASN D 43 4.66 27.47 32.79
C ASN D 43 6.11 27.32 32.38
N GLY D 44 6.32 26.65 31.24
CA GLY D 44 7.66 26.40 30.74
C GLY D 44 8.13 24.98 31.02
N LYS D 45 7.34 24.24 31.81
CA LYS D 45 7.65 22.86 32.18
C LYS D 45 7.85 21.96 30.97
N LYS D 46 7.59 20.67 31.12
CA LYS D 46 7.71 19.73 30.02
C LYS D 46 7.02 18.42 30.30
N ILE D 47 5.76 18.48 30.72
CA ILE D 47 5.00 17.31 31.11
C ILE D 47 5.52 16.03 30.45
N PRO D 48 6.32 15.24 31.18
CA PRO D 48 6.91 14.00 30.66
C PRO D 48 5.89 13.04 30.04
N LYS D 49 4.78 12.83 30.73
CA LYS D 49 3.74 11.94 30.23
C LYS D 49 2.83 12.71 29.26
N VAL D 50 2.82 12.29 27.99
CA VAL D 50 1.99 12.92 26.95
C VAL D 50 1.61 11.92 25.84
N GLU D 51 0.39 11.41 25.89
CA GLU D 51 -0.10 10.47 24.89
C GLU D 51 -0.10 11.12 23.50
N MET D 52 0.17 10.31 22.47
CA MET D 52 0.19 10.77 21.06
C MET D 52 -0.55 9.82 20.14
N SER D 53 -1.58 10.35 19.47
CA SER D 53 -2.34 9.54 18.53
C SER D 53 -1.45 9.03 17.40
N ASP D 54 -1.93 8.03 16.68
CA ASP D 54 -1.20 7.55 15.53
C ASP D 54 -1.24 8.62 14.45
N MET D 55 -0.28 8.58 13.53
CA MET D 55 -0.25 9.57 12.45
C MET D 55 -0.95 9.09 11.17
N SER D 56 -1.56 10.04 10.47
CA SER D 56 -2.24 9.75 9.22
C SER D 56 -2.06 10.96 8.32
N PHE D 57 -2.57 10.88 7.09
CA PHE D 57 -2.49 12.05 6.18
C PHE D 57 -3.74 12.29 5.35
N SER D 58 -3.91 13.53 4.94
CA SER D 58 -5.04 13.98 4.13
C SER D 58 -4.75 13.84 2.62
N LYS D 59 -5.81 13.87 1.82
CA LYS D 59 -5.69 13.72 0.38
C LYS D 59 -4.79 14.75 -0.30
N ASP D 60 -4.24 15.69 0.47
CA ASP D 60 -3.34 16.69 -0.11
C ASP D 60 -1.91 16.29 0.27
N TRP D 61 -1.81 15.08 0.80
CA TRP D 61 -0.54 14.48 1.17
C TRP D 61 0.04 14.87 2.54
N SER D 62 -0.51 15.90 3.19
CA SER D 62 0.07 16.38 4.44
C SER D 62 -0.37 15.51 5.59
N PHE D 63 0.45 15.47 6.64
CA PHE D 63 0.15 14.63 7.79
C PHE D 63 -0.51 15.44 8.88
N TYR D 64 -1.05 14.73 9.87
CA TYR D 64 -1.67 15.37 11.01
C TYR D 64 -1.68 14.40 12.19
N ILE D 65 -1.43 14.90 13.38
CA ILE D 65 -1.40 14.04 14.56
C ILE D 65 -1.95 14.78 15.77
N LEU D 66 -2.47 14.03 16.74
CA LEU D 66 -3.05 14.63 17.93
C LEU D 66 -2.34 14.25 19.22
N ALA D 67 -1.82 15.25 19.90
CA ALA D 67 -1.12 15.04 21.18
C ALA D 67 -1.94 15.64 22.30
N HIS D 68 -1.87 15.00 23.45
CA HIS D 68 -2.56 15.48 24.63
C HIS D 68 -1.91 14.98 25.92
N THR D 69 -2.41 15.51 27.04
CA THR D 69 -1.96 15.14 28.38
C THR D 69 -2.98 15.64 29.39
N GLU D 70 -3.55 14.72 30.18
CA GLU D 70 -4.55 15.10 31.19
C GLU D 70 -3.95 16.14 32.15
N PHE D 71 -4.73 17.19 32.45
CA PHE D 71 -4.25 18.30 33.27
C PHE D 71 -5.36 18.95 34.08
N THR D 72 -5.02 20.04 34.77
CA THR D 72 -5.99 20.80 35.54
C THR D 72 -5.69 22.29 35.43
N PRO D 73 -6.60 23.04 34.82
CA PRO D 73 -6.45 24.49 34.68
C PRO D 73 -6.51 25.24 36.02
N THR D 74 -5.66 26.27 36.15
CA THR D 74 -5.71 27.18 37.29
C THR D 74 -5.45 28.58 36.75
N GLU D 75 -6.00 29.58 37.42
CA GLU D 75 -5.83 30.96 37.00
C GLU D 75 -4.39 31.31 36.57
N THR D 76 -3.40 30.74 37.24
CA THR D 76 -2.01 31.08 36.95
C THR D 76 -1.22 29.91 36.36
N ASP D 77 -1.93 28.99 35.71
CA ASP D 77 -1.25 27.88 35.06
C ASP D 77 -1.05 28.10 33.57
N THR D 78 0.21 28.23 33.15
CA THR D 78 0.57 28.40 31.76
C THR D 78 0.70 27.03 31.09
N TYR D 79 0.28 26.96 29.84
CA TYR D 79 0.37 25.76 29.05
C TYR D 79 0.64 26.13 27.60
N ALA D 80 1.49 25.34 26.94
CA ALA D 80 1.87 25.59 25.56
C ALA D 80 2.15 24.28 24.83
N CYS D 81 2.45 24.35 23.54
CA CYS D 81 2.80 23.16 22.79
C CYS D 81 3.96 23.54 21.90
N ARG D 82 5.15 23.02 22.24
CA ARG D 82 6.35 23.34 21.48
C ARG D 82 6.49 22.29 20.39
N VAL D 83 6.75 22.75 19.18
CA VAL D 83 6.83 21.83 18.03
C VAL D 83 8.05 22.08 17.15
N LYS D 84 8.91 21.07 17.04
CA LYS D 84 10.10 21.17 16.21
C LYS D 84 9.86 20.38 14.94
N HIS D 85 10.15 21.00 13.80
CA HIS D 85 9.94 20.39 12.51
C HIS D 85 10.88 21.01 11.48
N ASP D 86 11.36 20.19 10.55
CA ASP D 86 12.33 20.63 9.55
C ASP D 86 11.91 21.85 8.73
N SER D 87 10.61 22.11 8.67
CA SER D 87 10.12 23.26 7.90
C SER D 87 10.43 24.60 8.56
N MET D 88 10.28 24.66 9.88
CA MET D 88 10.55 25.88 10.64
C MET D 88 12.00 25.93 11.12
N ALA D 89 12.56 27.14 11.23
CA ALA D 89 13.94 27.28 11.73
C ALA D 89 14.01 27.02 13.23
N GLU D 90 13.13 27.68 13.99
CA GLU D 90 13.06 27.49 15.43
C GLU D 90 11.68 26.98 15.80
N PRO D 91 11.63 26.10 16.82
CA PRO D 91 10.38 25.50 17.30
C PRO D 91 9.30 26.52 17.64
N LYS D 92 8.28 26.63 16.78
CA LYS D 92 7.15 27.52 17.04
C LYS D 92 6.30 26.92 18.16
N THR D 93 6.27 27.61 19.29
CA THR D 93 5.48 27.16 20.43
C THR D 93 4.27 28.07 20.62
N VAL D 94 3.11 27.47 20.86
CA VAL D 94 1.88 28.24 21.02
C VAL D 94 1.22 27.98 22.38
N TYR D 95 0.85 29.05 23.08
CA TYR D 95 0.32 28.95 24.44
C TYR D 95 -1.19 28.72 24.44
N TRP D 96 -1.67 27.94 25.40
CA TRP D 96 -3.10 27.65 25.49
C TRP D 96 -3.94 28.80 26.00
N ASP D 97 -4.90 29.19 25.18
CA ASP D 97 -5.79 30.30 25.48
C ASP D 97 -7.18 29.80 25.85
N ARG D 98 -7.41 29.61 27.16
CA ARG D 98 -8.67 29.13 27.68
C ARG D 98 -9.91 29.56 26.90
N ASP D 99 -9.86 30.75 26.30
CA ASP D 99 -10.99 31.30 25.58
C ASP D 99 -11.13 30.79 24.15
N MET D 100 -10.05 30.19 23.66
CA MET D 100 -10.03 29.69 22.29
C MET D 100 -9.86 28.16 22.27
N SER E 1 -9.68 -5.34 1.67
CA SER E 1 -8.47 -6.16 1.38
C SER E 1 -7.46 -5.33 0.59
N GLN E 2 -6.21 -5.36 1.04
CA GLN E 2 -5.13 -4.62 0.41
C GLN E 2 -4.78 -5.11 -0.98
N TYR E 3 -4.11 -4.22 -1.73
CA TYR E 3 -3.71 -4.46 -3.11
C TYR E 3 -2.29 -4.87 -3.03
N TYR E 4 -1.90 -5.72 -3.96
CA TYR E 4 -0.54 -6.19 -4.06
C TYR E 4 0.20 -5.14 -4.89
N TYR E 5 0.85 -4.18 -4.22
CA TYR E 5 1.56 -3.13 -4.95
C TYR E 5 2.78 -3.65 -5.71
N ASN E 6 2.95 -3.13 -6.92
CA ASN E 6 4.08 -3.48 -7.77
C ASN E 6 5.19 -2.48 -7.59
N SER E 7 6.15 -2.52 -8.50
CA SER E 7 7.37 -1.68 -8.40
C SER E 7 7.38 -0.35 -9.16
N LEU E 8 8.02 0.66 -8.57
CA LEU E 8 8.14 1.95 -9.24
C LEU E 8 9.41 1.94 -10.06
C1 NAG F . -12.02 -21.50 -25.24
C2 NAG F . -13.48 -21.09 -25.08
C3 NAG F . -14.31 -22.38 -25.04
C4 NAG F . -14.10 -23.09 -26.39
C5 NAG F . -12.61 -23.40 -26.56
C6 NAG F . -12.25 -24.12 -27.87
C7 NAG F . -13.68 -18.97 -23.84
C8 NAG F . -12.83 -18.33 -22.75
N2 NAG F . -13.66 -20.32 -23.86
O3 NAG F . -15.67 -22.09 -24.80
O4 NAG F . -14.88 -24.27 -26.45
O5 NAG F . -11.86 -22.17 -26.48
O6 NAG F . -13.14 -23.75 -28.92
O7 NAG F . -14.36 -18.25 -24.60
#